data_2JSG
#
_entry.id   2JSG
#
_entity_poly.entity_id   1
_entity_poly.type   'polyribonucleotide'
_entity_poly.pdbx_seq_one_letter_code
;CCUCCCUUAC(6MZ)AGGAGG
;
_entity_poly.pdbx_strand_id   A
#
loop_
_chem_comp.id
_chem_comp.type
_chem_comp.name
_chem_comp.formula
6MZ RNA linking N6-METHYLADENOSINE-5'-MONOPHOSPHATE 'C11 H16 N5 O7 P'
A RNA linking ADENOSINE-5'-MONOPHOSPHATE 'C10 H14 N5 O7 P'
C RNA linking CYTIDINE-5'-MONOPHOSPHATE 'C9 H14 N3 O8 P'
G RNA linking GUANOSINE-5'-MONOPHOSPHATE 'C10 H14 N5 O8 P'
U RNA linking URIDINE-5'-MONOPHOSPHATE 'C9 H13 N2 O9 P'
#
# COMPACT_ATOMS: atom_id res chain seq x y z
C2 6MZ A 11 -0.70 -3.55 -0.93
C4 6MZ A 11 -0.22 -1.46 -0.45
C5 6MZ A 11 -0.02 -1.74 0.89
O1P 6MZ A 11 3.37 4.58 1.30
O2P 6MZ A 11 3.16 2.28 2.41
N9 6MZ A 11 0.01 -0.10 -0.58
N3 6MZ A 11 -0.57 -2.32 -1.41
N1 6MZ A 11 -0.54 -3.98 0.33
C6 6MZ A 11 -0.19 -3.09 1.28
N6 6MZ A 11 -0.03 -3.51 2.54
C9 6MZ A 11 -0.77 -3.98 3.08
N7 6MZ A 11 0.33 -0.60 1.59
C8 6MZ A 11 0.34 0.34 0.68
O5' 6MZ A 11 1.93 2.80 0.31
C5' 6MZ A 11 1.55 3.66 -0.76
C4' 6MZ A 11 0.70 2.90 -1.76
O4' 6MZ A 11 1.16 1.52 -1.79
C1' 6MZ A 11 0.04 0.65 -1.83
C2' 6MZ A 11 -1.20 1.50 -2.06
O2' 6MZ A 11 -1.39 1.65 -3.46
C3' 6MZ A 11 -0.78 2.82 -1.43
O3' 6MZ A 11 -1.49 3.94 -1.97
P 6MZ A 11 3.22 3.11 1.18
H2 6MZ A 11 -0.99 -4.31 -1.65
H8 6MZ A 11 0.57 1.37 0.90
H1' 6MZ A 11 0.21 -0.05 -2.64
H9C1 6MZ A 11 -0.39 -4.22 4.06
H9C2 6MZ A 11 -1.62 -3.31 3.18
H5'1 6MZ A 11 2.44 4.05 -1.26
H5'2 6MZ A 11 0.97 4.50 -0.37
H4' 6MZ A 11 0.79 3.42 -2.72
H3' 6MZ A 11 -0.96 2.85 -0.36
H2' 6MZ A 11 -2.07 1.10 -1.56
HA 6MZ A 11 -1.32 2.58 -3.66
H6 6MZ A 11 0.86 -3.37 2.98
H9 6MZ A 11 -1.07 -4.90 2.57
C2 6MZ A 11 -0.89 -3.71 -0.22
C4 6MZ A 11 -0.36 -1.62 0.22
C5 6MZ A 11 -0.62 -1.78 1.57
O1P 6MZ A 11 2.76 5.32 1.33
O2P 6MZ A 11 2.97 3.35 2.97
N9 6MZ A 11 0.03 -0.31 0.07
N3 6MZ A 11 -0.48 -2.55 -0.74
N1 6MZ A 11 -1.17 -4.01 1.05
C6 6MZ A 11 -1.04 -3.04 2.00
N6 6MZ A 11 -1.33 -3.36 3.27
C9 6MZ A 11 -0.89 -4.12 3.78
N7 6MZ A 11 -0.39 -0.60 2.26
C8 6MZ A 11 0.00 0.24 1.33
O5' 6MZ A 11 1.79 3.08 0.79
C5' 6MZ A 11 1.06 3.72 -0.26
C4' 6MZ A 11 0.62 2.69 -1.28
O4' 6MZ A 11 1.23 1.42 -0.95
C1' 6MZ A 11 0.31 0.36 -1.19
C2' 6MZ A 11 -0.93 0.97 -1.85
O2' 6MZ A 11 -0.76 0.94 -3.25
C3' 6MZ A 11 -0.87 2.41 -1.32
O3' 6MZ A 11 -1.56 3.32 -2.18
P 6MZ A 11 2.93 3.86 1.57
H2 6MZ A 11 -1.01 -4.52 -0.93
H8 6MZ A 11 0.25 1.27 1.54
H1' 6MZ A 11 0.81 -0.35 -1.86
H9C1 6MZ A 11 0.18 -3.95 3.84
H9C2 6MZ A 11 -1.31 -4.16 4.79
H5'1 6MZ A 11 1.69 4.46 -0.75
H5'2 6MZ A 11 0.18 4.21 0.15
H4' 6MZ A 11 0.90 3.06 -2.27
H3' 6MZ A 11 -1.34 2.51 -0.34
H2' 6MZ A 11 -1.85 0.48 -1.52
HA 6MZ A 11 0.08 1.34 -3.44
H6 6MZ A 11 -2.04 -2.80 3.74
H9 6MZ A 11 -1.09 -5.07 3.27
C2 6MZ A 11 -1.73 -3.37 -1.04
C4 6MZ A 11 -0.80 -1.39 -0.82
C5 6MZ A 11 -0.62 -1.57 0.54
O1P 6MZ A 11 3.92 4.08 -0.51
O2P 6MZ A 11 3.69 2.03 1.04
N9 6MZ A 11 -0.29 -0.15 -1.12
N3 6MZ A 11 -1.35 -2.26 -1.67
N1 6MZ A 11 -1.64 -3.68 0.26
C6 6MZ A 11 -1.07 -2.77 1.10
N6 6MZ A 11 -0.97 -3.08 2.40
C9 6MZ A 11 -0.41 -3.84 2.76
N7 6MZ A 11 -0.01 -0.44 1.10
C8 6MZ A 11 0.17 0.35 0.08
O5' 6MZ A 11 2.02 2.48 -0.76
C5' 6MZ A 11 1.38 3.45 -1.59
C4' 6MZ A 11 0.29 2.80 -2.40
O4' 6MZ A 11 0.63 1.39 -2.60
C1' 6MZ A 11 -0.50 0.59 -2.35
C2' 6MZ A 11 -1.71 1.52 -2.31
O2' 6MZ A 11 -2.18 1.72 -3.63
C3' 6MZ A 11 -1.09 2.78 -1.75
O3' 6MZ A 11 -1.84 3.95 -2.08
P 6MZ A 11 3.54 2.65 -0.30
H2 6MZ A 11 -2.20 -4.14 -1.65
H8 6MZ A 11 0.63 1.33 0.17
H1' 6MZ A 11 -0.57 -0.13 -3.17
H9C1 6MZ A 11 -0.76 -4.79 2.35
H9C2 6MZ A 11 0.64 -3.70 2.48
H5'1 6MZ A 11 2.12 3.89 -2.27
H5'2 6MZ A 11 0.95 4.24 -0.98
H4' 6MZ A 11 0.19 3.36 -3.34
H3' 6MZ A 11 -1.01 2.77 -0.67
H2' 6MZ A 11 -2.49 1.15 -1.65
HA 6MZ A 11 -3.08 2.05 -3.57
H6 6MZ A 11 -1.46 -2.49 3.06
H9 6MZ A 11 -0.48 -3.87 3.85
C2 6MZ A 11 -1.16 -4.22 -0.81
C4 6MZ A 11 -0.29 -2.22 -1.11
C5 6MZ A 11 0.01 -2.09 0.23
O1P 6MZ A 11 3.46 4.01 -1.68
O2P 6MZ A 11 3.24 2.29 0.21
N9 6MZ A 11 0.14 -1.06 -1.71
N3 6MZ A 11 -0.88 -3.28 -1.70
N1 6MZ A 11 -0.92 -4.24 0.51
C6 6MZ A 11 -0.33 -3.16 1.07
N6 6MZ A 11 -0.08 -3.17 2.40
C9 6MZ A 11 -0.29 -3.96 3.01
N7 6MZ A 11 0.63 -0.87 0.47
C8 6MZ A 11 0.67 -0.30 -0.70
O5' 6MZ A 11 1.91 2.07 -1.90
C5' 6MZ A 11 1.53 2.46 -3.21
C4' 6MZ A 11 0.49 1.51 -3.75
O4' 6MZ A 11 0.95 0.15 -3.54
C1' 6MZ A 11 -0.13 -0.65 -3.09
C2' 6MZ A 11 -1.40 0.17 -3.25
O2' 6MZ A 11 -1.91 -0.03 -4.56
C3' 6MZ A 11 -0.87 1.59 -3.07
O3' 6MZ A 11 -1.71 2.56 -3.69
P 6MZ A 11 3.26 2.61 -1.24
H2 6MZ A 11 -1.64 -5.11 -1.21
H8 6MZ A 11 1.10 0.68 -0.87
H1' 6MZ A 11 -0.14 -1.56 -3.71
H9C1 6MZ A 11 0.00 -3.69 4.03
H9C2 6MZ A 11 -1.36 -4.18 2.99
H5'1 6MZ A 11 2.41 2.45 -3.86
H5'2 6MZ A 11 1.11 3.46 -3.19
H4' 6MZ A 11 0.34 1.76 -4.81
H3' 6MZ A 11 -0.78 1.87 -2.02
H2' 6MZ A 11 -2.14 -0.07 -2.47
HA 6MZ A 11 -1.20 0.17 -5.16
H6 6MZ A 11 0.32 -2.35 2.79
H9 6MZ A 11 0.28 -4.84 2.69
C2 6MZ A 11 -0.26 -2.97 -0.35
C4 6MZ A 11 0.07 -0.95 0.47
C5 6MZ A 11 0.09 -1.42 1.77
O1P 6MZ A 11 1.94 5.12 3.81
O2P 6MZ A 11 2.23 2.62 4.33
N9 6MZ A 11 0.25 0.41 0.55
N3 6MZ A 11 -0.11 -1.68 -0.65
N1 6MZ A 11 -0.26 -3.56 0.84
C6 6MZ A 11 -0.09 -2.80 1.95
N6 6MZ A 11 -0.09 -3.40 3.15
C9 6MZ A 11 -0.93 -3.55 3.71
N7 6MZ A 11 0.28 -0.37 2.67
C8 6MZ A 11 0.37 0.69 1.90
O5' 6MZ A 11 1.16 3.37 2.20
C5' 6MZ A 11 0.78 4.33 1.23
C4' 6MZ A 11 0.19 3.65 0.03
O4' 6MZ A 11 0.98 2.47 -0.27
C1' 6MZ A 11 0.13 1.37 -0.55
C2' 6MZ A 11 -1.28 1.92 -0.72
O2' 6MZ A 11 -1.44 2.32 -2.07
C3' 6MZ A 11 -1.24 3.13 0.21
O3' 6MZ A 11 -2.20 4.12 -0.15
P 6MZ A 11 2.22 3.74 3.34
H2 6MZ A 11 -0.40 -3.63 -1.21
H8 6MZ A 11 0.53 1.68 2.28
H1' 6MZ A 11 0.50 0.89 -1.45
H9C1 6MZ A 11 -1.41 -2.60 3.93
H9C2 6MZ A 11 -1.63 -4.18 3.15
H5'1 6MZ A 11 1.64 4.92 0.92
H5'2 6MZ A 11 0.03 5.01 1.66
H4' 6MZ A 11 0.16 4.37 -0.79
H3' 6MZ A 11 -1.45 2.87 1.25
H2' 6MZ A 11 -2.05 1.21 -0.40
HA 6MZ A 11 -0.58 2.58 -2.40
H6 6MZ A 11 0.79 -3.70 3.53
H9 6MZ A 11 -0.67 -4.05 4.63
C2 6MZ A 11 -0.70 -2.68 -1.14
C4 6MZ A 11 -0.59 -0.66 -0.28
C5 6MZ A 11 -0.89 -1.12 0.98
O1P 6MZ A 11 2.00 5.62 2.68
O2P 6MZ A 11 1.83 3.28 3.70
N9 6MZ A 11 -0.44 0.70 -0.15
N3 6MZ A 11 -0.48 -1.39 -1.40
N1 6MZ A 11 -0.99 -3.27 0.02
C6 6MZ A 11 -1.10 -2.51 1.13
N6 6MZ A 11 -1.41 -3.10 2.29
C9 6MZ A 11 -0.80 -3.12 3.10
N7 6MZ A 11 -0.93 -0.08 1.90
C8 6MZ A 11 -0.65 0.98 1.17
O5' 6MZ A 11 1.01 3.72 1.38
C5' 6MZ A 11 0.56 4.65 0.42
C4' 6MZ A 11 0.01 3.93 -0.79
O4' 6MZ A 11 0.65 2.63 -0.89
C1' 6MZ A 11 -0.30 1.65 -1.26
C2' 6MZ A 11 -1.60 2.38 -1.60
O2' 6MZ A 11 -1.59 2.70 -2.98
C3' 6MZ A 11 -1.48 3.63 -0.74
O3' 6MZ A 11 -2.24 4.73 -1.27
P 6MZ A 11 2.06 4.15 2.52
H2 6MZ A 11 -0.62 -3.35 -2.00
H8 6MZ A 11 -0.59 1.98 1.59
H1' 6MZ A 11 0.11 1.12 -2.12
H9C1 6MZ A 11 -0.66 -2.09 3.47
H9C2 6MZ A 11 -1.25 -3.73 3.88
H5'1 6MZ A 11 1.40 5.29 0.10
H5'2 6MZ A 11 -0.21 5.28 0.85
H4' 6MZ A 11 0.18 4.57 -1.66
H3' 6MZ A 11 -1.83 3.49 0.28
H2' 6MZ A 11 -2.48 1.80 -1.30
HA 6MZ A 11 -2.30 3.32 -3.13
H6 6MZ A 11 -2.28 -3.60 2.35
H9 6MZ A 11 0.17 -3.53 2.83
C2 6MZ A 11 -1.26 -3.83 0.22
C4 6MZ A 11 -0.25 -1.88 0.18
C5 6MZ A 11 -0.03 -1.90 1.54
O1P 6MZ A 11 4.61 3.48 -0.14
O2P 6MZ A 11 4.37 1.52 1.48
N9 6MZ A 11 0.29 -0.70 -0.27
N3 6MZ A 11 -0.87 -2.83 -0.56
N1 6MZ A 11 -1.12 -4.00 1.55
C6 6MZ A 11 -0.49 -3.03 2.25
N6 6MZ A 11 -0.35 -3.19 3.57
C9 6MZ A 11 -1.13 -3.30 4.21
N7 6MZ A 11 0.64 -0.76 1.95
C8 6MZ A 11 0.80 -0.08 0.84
O5' 6MZ A 11 2.65 1.94 -0.28
C5' 6MZ A 11 2.07 2.76 -1.29
C4' 6MZ A 11 0.95 2.02 -1.97
O4' 6MZ A 11 1.24 0.60 -1.95
C1' 6MZ A 11 0.07 -0.12 -1.60
C2' 6MZ A 11 -1.09 0.85 -1.67
O2' 6MZ A 11 -1.58 0.87 -3.00
C3' 6MZ A 11 -0.42 2.16 -1.31
O3' 6MZ A 11 -1.13 3.29 -1.81
P 6MZ A 11 4.18 2.09 0.12
H2 6MZ A 11 -1.77 -4.65 -0.30
H8 6MZ A 11 1.29 0.88 0.80
H1' 6MZ A 11 -0.02 -0.94 -2.31
H9C1 6MZ A 11 -0.75 -3.44 5.23
H9C2 6MZ A 11 -1.76 -2.41 4.18
H5'1 6MZ A 11 2.83 3.03 -2.03
H5'2 6MZ A 11 1.68 3.68 -0.84
H4' 6MZ A 11 0.85 2.44 -2.98
H3' 6MZ A 11 -0.32 2.31 -0.24
H2' 6MZ A 11 -1.87 0.60 -0.94
HA 6MZ A 11 -2.12 1.66 -3.09
H6 6MZ A 11 0.59 -3.21 3.95
H9 6MZ A 11 -1.72 -4.17 3.92
C2 6MZ A 11 -1.07 -3.18 -1.36
C4 6MZ A 11 -0.33 -1.30 -0.48
C5 6MZ A 11 -0.13 -1.89 0.76
O1P 6MZ A 11 3.42 4.49 2.17
O2P 6MZ A 11 3.32 2.06 2.98
N9 6MZ A 11 0.05 0.01 -0.33
N3 6MZ A 11 -0.80 -1.90 -1.59
N1 6MZ A 11 -0.93 -3.88 -0.22
C6 6MZ A 11 -0.45 -3.26 0.88
N6 6MZ A 11 -0.30 -3.97 2.01
C9 6MZ A 11 -0.62 -3.66 2.93
N7 6MZ A 11 0.37 -0.97 1.67
C8 6MZ A 11 0.46 0.14 0.97
O5' 6MZ A 11 1.87 2.84 1.12
C5' 6MZ A 11 1.32 3.87 0.30
C4' 6MZ A 11 0.44 3.28 -0.78
O4' 6MZ A 11 0.98 1.99 -1.15
C1' 6MZ A 11 -0.07 1.06 -1.34
C2' 6MZ A 11 -1.39 1.84 -1.26
O2' 6MZ A 11 -1.72 2.30 -2.56
C3' 6MZ A 11 -1.00 3.00 -0.35
O3' 6MZ A 11 -1.83 4.13 -0.54
P 6MZ A 11 3.25 3.04 1.87
H2 6MZ A 11 -1.46 -3.74 -2.21
H8 6MZ A 11 0.82 1.07 1.39
H1' 6MZ A 11 0.07 0.60 -2.32
H9C1 6MZ A 11 -0.55 -4.48 3.63
H9C2 6MZ A 11 0.00 -2.83 3.27
H5'1 6MZ A 11 2.13 4.44 -0.17
H5'2 6MZ A 11 0.72 4.55 0.91
H4' 6MZ A 11 0.39 3.99 -1.60
H3' 6MZ A 11 -1.06 2.73 0.71
H2' 6MZ A 11 -2.17 1.24 -0.81
HA 6MZ A 11 -2.42 1.74 -2.89
H6 6MZ A 11 0.14 -4.87 1.94
H9 6MZ A 11 -1.66 -3.32 2.87
C2 6MZ A 11 -2.04 -4.32 -0.98
C4 6MZ A 11 -0.95 -2.41 -0.88
C5 6MZ A 11 -0.83 -2.49 0.51
O1P 6MZ A 11 3.94 2.79 -0.21
O2P 6MZ A 11 3.69 0.46 0.85
N9 6MZ A 11 -0.32 -1.25 -1.24
N3 6MZ A 11 -1.54 -3.30 -1.68
N1 6MZ A 11 -2.01 -4.53 0.34
C6 6MZ A 11 -1.39 -3.62 1.13
N6 6MZ A 11 -1.36 -3.83 2.45
C9 6MZ A 11 -0.92 -4.64 2.88
N7 6MZ A 11 -0.15 -1.39 1.01
C8 6MZ A 11 0.13 -0.69 -0.06
O5' 6MZ A 11 2.07 1.27 -0.86
C5' 6MZ A 11 1.59 2.20 -1.83
C4' 6MZ A 11 0.56 1.53 -2.72
O4' 6MZ A 11 0.83 0.10 -2.75
C1' 6MZ A 11 -0.36 -0.62 -2.56
C2' 6MZ A 11 -1.52 0.36 -2.73
O2' 6MZ A 11 -1.83 0.44 -4.12
C3' 6MZ A 11 -0.88 1.66 -2.24
O3' 6MZ A 11 -1.51 2.81 -2.78
P 6MZ A 11 3.57 1.36 -0.33
H2 6MZ A 11 -2.55 -5.09 -1.56
H8 6MZ A 11 0.66 0.25 -0.03
H1' 6MZ A 11 -0.38 -1.42 -3.30
H9C1 6MZ A 11 -1.39 -5.55 2.52
H9C2 6MZ A 11 0.14 -4.65 2.62
H5'1 6MZ A 11 2.41 2.56 -2.45
H5'2 6MZ A 11 1.13 3.05 -1.34
H4' 6MZ A 11 0.61 2.00 -3.70
H3' 6MZ A 11 -0.95 1.76 -1.15
H2' 6MZ A 11 -2.38 0.09 -2.12
HA 6MZ A 11 -1.10 0.89 -4.54
H6 6MZ A 11 -1.84 -3.16 3.05
H9 6MZ A 11 -1.03 -4.57 3.96
C2 6MZ A 11 -0.63 -4.69 -0.67
C4 6MZ A 11 -0.35 -2.52 -0.44
C5 6MZ A 11 -0.67 -2.56 0.91
O1P 6MZ A 11 2.76 4.16 0.66
O2P 6MZ A 11 2.86 1.97 2.00
N9 6MZ A 11 -0.09 -1.20 -0.71
N3 6MZ A 11 -0.32 -3.55 -1.29
N1 6MZ A 11 -0.95 -4.88 0.62
C6 6MZ A 11 -0.98 -3.82 1.45
N6 6MZ A 11 -1.31 -4.03 2.73
C9 6MZ A 11 -0.68 -3.86 3.51
N7 6MZ A 11 -0.59 -1.30 1.47
C8 6MZ A 11 -0.25 -0.53 0.47
O5' 6MZ A 11 1.70 2.07 -0.20
C5' 6MZ A 11 1.37 2.65 -1.46
C4' 6MZ A 11 0.67 1.63 -2.34
O4' 6MZ A 11 1.16 0.31 -1.99
C1' 6MZ A 11 0.10 -0.62 -2.05
C2' 6MZ A 11 -1.14 0.11 -2.58
O2' 6MZ A 11 -1.17 -0.02 -3.99
C3' 6MZ A 11 -0.84 1.54 -2.17
O3' 6MZ A 11 -1.50 2.49 -2.99
P 6MZ A 11 2.87 2.67 0.70
H2 6MZ A 11 -0.63 -5.58 -1.29
H8 6MZ A 11 -0.11 0.54 0.57
H1' 6MZ A 11 0.41 -1.43 -2.72
H9C1 6MZ A 11 -0.43 -2.79 3.57
H9C2 6MZ A 11 -1.16 -4.16 4.44
H5'1 6MZ A 11 2.28 3.00 -1.96
H5'2 6MZ A 11 0.71 3.50 -1.31
H4' 6MZ A 11 0.86 1.90 -3.37
H3' 6MZ A 11 -1.14 1.77 -1.14
H2' 6MZ A 11 -2.05 -0.25 -2.10
HA 6MZ A 11 -0.88 -0.91 -4.20
H6 6MZ A 11 -2.21 -4.41 2.94
H9 6MZ A 11 0.25 -4.42 3.38
C2 6MZ A 11 -0.14 -3.71 -0.62
C4 6MZ A 11 0.42 -1.67 0.00
C5 6MZ A 11 0.43 -2.02 1.34
O1P 6MZ A 11 3.56 4.33 2.55
O2P 6MZ A 11 3.25 1.95 3.44
N9 6MZ A 11 0.75 -0.35 -0.04
N3 6MZ A 11 0.14 -2.48 -1.04
N1 6MZ A 11 -0.16 -4.19 0.63
C6 6MZ A 11 0.12 -3.36 1.66
N6 6MZ A 11 0.09 -3.85 2.90
C9 6MZ A 11 -0.76 -4.02 3.41
N7 6MZ A 11 0.76 -0.93 2.13
C8 6MZ A 11 0.93 0.04 1.27
O5' 6MZ A 11 2.33 2.62 1.22
C5' 6MZ A 11 2.22 3.44 0.07
C4' 6MZ A 11 1.35 2.77 -0.97
O4' 6MZ A 11 1.82 1.40 -1.15
C1' 6MZ A 11 0.73 0.52 -1.22
C2' 6MZ A 11 -0.54 1.37 -1.33
O2' 6MZ A 11 -0.78 1.64 -2.70
C3' 6MZ A 11 -0.11 2.63 -0.59
O3' 6MZ A 11 -0.86 3.76 -1.00
P 6MZ A 11 3.47 2.87 2.30
H2 6MZ A 11 -0.37 -4.42 -1.40
H8 6MZ A 11 1.21 1.04 1.56
H1' 6MZ A 11 0.87 -0.11 -2.09
H9C1 6MZ A 11 -0.51 -4.41 4.41
H9C2 6MZ A 11 -1.32 -3.08 3.54
H5'1 6MZ A 11 3.22 3.61 -0.36
H5'2 6MZ A 11 1.78 4.40 0.33
H4' 6MZ A 11 1.39 3.36 -1.88
H3' 6MZ A 11 -0.25 2.55 0.49
H2' 6MZ A 11 -1.39 0.90 -0.84
HA 6MZ A 11 -1.65 1.28 -2.91
H6 6MZ A 11 0.97 -4.06 3.35
H9 6MZ A 11 -1.39 -4.74 2.88
#